data_6C5M
#
_entry.id   6C5M
#
_cell.length_a   41.576
_cell.length_b   98.348
_cell.length_c   55.399
_cell.angle_alpha   90.000
_cell.angle_beta   106.310
_cell.angle_gamma   90.000
#
_symmetry.space_group_name_H-M   'P 1 21 1'
#
loop_
_entity.id
_entity.type
_entity.pdbx_description
1 polymer 'Antigen-presenting glycoprotein CD1d1'
2 polymer Beta-2-microglobulin
3 branched 2-acetamido-2-deoxy-beta-D-glucopyranose-(1-4)-2-acetamido-2-deoxy-beta-D-glucopyranose
4 branched alpha-D-mannopyranose-(1-3)-[alpha-D-mannopyranose-(1-6)]beta-D-mannopyranose-(1-4)-2-acetamido-2-deoxy-beta-D-glucopyranose-(1-4)-[alpha-L-fucopyranose-(1-6)]2-acetamido-2-deoxy-beta-D-glucopyranose
5 non-polymer 2-acetamido-2-deoxy-beta-D-glucopyranose
6 non-polymer '(5R,6S,7S)-5,6-dihydroxy-N-nonyl-7-(octanoylamino)-8-{[(2S,3R,4S,5R,6R)-3,4,5-trihydroxy-6-(hydroxymethyl)tetrahydro-2H-pyran-2-yl]oxy}octanamide (non-preferred name)'
7 non-polymer 'PALMITIC ACID'
8 water water
#
loop_
_entity_poly.entity_id
_entity_poly.type
_entity_poly.pdbx_seq_one_letter_code
_entity_poly.pdbx_strand_id
1 'polypeptide(L)'
;SEAQQKNYTFRCLQMSSFANRSWSRTDSVVWLGDLQTHRWSNDSATISFTKPWSQGKLSNQQWEKLQHMFQVYRVSFTRD
IQELVKMMSPKEDYPIEIQLSAGCEMYPGNASESFLHVAFQGKYVVRFWGTSWQTVPGAPSWLDLPIKVLNADQGTSATV
QMLLNDTCPLFVRGLLEAGKSDLEKQEKPVAWLSSVPSSAHGHRQLVCHVSGFYPKPVWVMWMRGDQEQQGTHRGDFLPN
ADETWYLQATLDVEAGEEAGLACRVKHSSLGGQDIILYWHHHHHH
;
A
2 'polypeptide(L)'
;IQKTPQIQVYSRHPPENGKPNILNCYVTQFHPPHIEIQMLKNGKKIPKVEMSDMSFSKDWSFYILAHTEFTPTETDTYAC
RVKHASMAEPKTVYWDRDM
;
B
#
loop_
_chem_comp.id
_chem_comp.type
_chem_comp.name
_chem_comp.formula
BMA D-saccharide, beta linking beta-D-mannopyranose 'C6 H12 O6'
FUC L-saccharide, alpha linking alpha-L-fucopyranose 'C6 H12 O5'
J81 non-polymer '(5R,6S,7S)-5,6-dihydroxy-N-nonyl-7-(octanoylamino)-8-{[(2S,3R,4S,5R,6R)-3,4,5-trihydroxy-6-(hydroxymethyl)tetrahydro-2H-pyran-2-yl]oxy}octanamide (non-preferred name)' 'C31 H60 N2 O10'
MAN D-saccharide, alpha linking alpha-D-mannopyranose 'C6 H12 O6'
NAG D-saccharide, beta linking 2-acetamido-2-deoxy-beta-D-glucopyranose 'C8 H15 N O6'
PLM non-polymer 'PALMITIC ACID' 'C16 H32 O2'
#
# COMPACT_ATOMS: atom_id res chain seq x y z
N ASN A 7 -0.40 18.38 5.50
CA ASN A 7 -1.47 17.43 5.03
C ASN A 7 -1.09 15.98 5.33
N TYR A 8 -1.69 15.42 6.38
CA TYR A 8 -1.56 13.99 6.72
C TYR A 8 -2.93 13.33 6.61
N THR A 9 -2.99 12.21 5.90
CA THR A 9 -4.23 11.46 5.72
C THR A 9 -4.17 10.16 6.50
N PHE A 10 -5.11 10.04 7.42
CA PHE A 10 -5.30 8.86 8.23
C PHE A 10 -6.32 7.99 7.51
N ARG A 11 -5.92 6.74 7.22
CA ARG A 11 -6.78 5.76 6.55
C ARG A 11 -6.83 4.47 7.34
N CYS A 12 -8.04 4.02 7.67
CA CYS A 12 -8.27 2.68 8.15
C CYS A 12 -8.84 1.92 6.98
N LEU A 13 -8.16 0.84 6.57
CA LEU A 13 -8.51 0.08 5.37
C LEU A 13 -8.97 -1.33 5.76
N GLN A 14 -10.27 -1.55 5.74
CA GLN A 14 -10.85 -2.87 6.08
C GLN A 14 -11.15 -3.71 4.83
N MET A 15 -10.77 -4.98 4.88
CA MET A 15 -10.94 -5.94 3.79
C MET A 15 -11.69 -7.16 4.30
N SER A 16 -12.90 -7.37 3.80
CA SER A 16 -13.69 -8.54 4.14
C SER A 16 -13.92 -9.44 2.92
N SER A 17 -13.50 -10.69 3.03
CA SER A 17 -13.81 -11.72 2.03
C SER A 17 -14.87 -12.65 2.58
N PHE A 18 -15.96 -12.84 1.84
CA PHE A 18 -17.00 -13.84 2.16
C PHE A 18 -17.00 -14.92 1.08
N ALA A 19 -16.69 -16.16 1.47
CA ALA A 19 -16.46 -17.26 0.51
C ALA A 19 -17.70 -18.12 0.20
N ASN A 20 -18.53 -18.44 1.20
CA ASN A 20 -19.67 -19.36 0.97
C ASN A 20 -20.87 -19.38 1.94
N ARG A 21 -20.69 -18.97 3.20
CA ARG A 21 -21.73 -19.00 4.27
C ARG A 21 -21.09 -19.47 5.56
N SER A 22 -20.11 -20.37 5.43
CA SER A 22 -19.37 -20.92 6.56
C SER A 22 -17.94 -20.37 6.67
N TRP A 23 -17.56 -19.45 5.79
CA TRP A 23 -16.19 -18.90 5.74
C TRP A 23 -16.22 -17.41 5.39
N SER A 24 -15.69 -16.58 6.28
CA SER A 24 -15.33 -15.21 5.95
C SER A 24 -14.24 -14.74 6.87
N ARG A 25 -13.43 -13.81 6.40
CA ARG A 25 -12.47 -13.13 7.27
C ARG A 25 -12.55 -11.63 7.02
N THR A 26 -12.25 -10.87 8.06
CA THR A 26 -12.07 -9.44 7.97
C THR A 26 -10.70 -9.08 8.54
N ASP A 27 -9.93 -8.35 7.75
CA ASP A 27 -8.62 -7.85 8.17
C ASP A 27 -8.55 -6.37 7.89
N SER A 28 -7.79 -5.65 8.72
CA SER A 28 -7.62 -4.21 8.59
C SER A 28 -6.16 -3.82 8.74
N VAL A 29 -5.79 -2.72 8.09
CA VAL A 29 -4.52 -2.04 8.31
C VAL A 29 -4.82 -0.56 8.43
N VAL A 30 -4.02 0.16 9.22
CA VAL A 30 -4.21 1.60 9.39
C VAL A 30 -2.91 2.30 9.05
N TRP A 31 -3.03 3.39 8.28
CA TRP A 31 -1.91 4.15 7.74
C TRP A 31 -2.05 5.61 8.15
N LEU A 32 -1.01 6.17 8.76
CA LEU A 32 -0.93 7.64 8.93
C LEU A 32 0.06 8.14 7.88
N GLY A 33 -0.46 8.82 6.86
CA GLY A 33 0.31 9.10 5.65
C GLY A 33 0.73 7.81 4.99
N ASP A 34 2.04 7.60 4.89
CA ASP A 34 2.59 6.38 4.28
C ASP A 34 3.24 5.44 5.30
N LEU A 35 3.07 5.72 6.60
CA LEU A 35 3.58 4.83 7.65
C LEU A 35 2.43 4.07 8.22
N GLN A 36 2.57 2.74 8.31
CA GLN A 36 1.52 1.90 8.86
C GLN A 36 1.55 2.07 10.37
N THR A 37 0.38 2.36 10.94
CA THR A 37 0.23 2.53 12.38
C THR A 37 -0.42 1.34 13.08
N HIS A 38 -1.33 0.61 12.42
CA HIS A 38 -2.00 -0.53 13.03
C HIS A 38 -2.23 -1.70 12.05
N ARG A 39 -2.43 -2.86 12.64
CA ARG A 39 -2.78 -4.08 11.92
C ARG A 39 -3.89 -4.69 12.74
N TRP A 40 -4.94 -5.17 12.10
CA TRP A 40 -5.94 -5.94 12.83
C TRP A 40 -6.36 -7.16 12.05
N SER A 41 -5.68 -8.24 12.36
CA SER A 41 -5.91 -9.51 11.71
C SER A 41 -7.24 -10.10 12.16
N ASN A 42 -7.82 -10.91 11.27
CA ASN A 42 -9.00 -11.69 11.60
C ASN A 42 -8.72 -12.61 12.80
N ASP A 43 -7.54 -13.23 12.80
CA ASP A 43 -7.06 -14.12 13.86
C ASP A 43 -7.12 -13.51 15.26
N SER A 44 -6.83 -12.21 15.37
CA SER A 44 -6.71 -11.53 16.65
C SER A 44 -7.99 -10.83 17.15
N ALA A 45 -8.27 -10.99 18.44
CA ALA A 45 -9.33 -10.26 19.10
C ALA A 45 -9.01 -8.77 19.30
N THR A 46 -7.72 -8.42 19.36
CA THR A 46 -7.30 -7.04 19.62
C THR A 46 -6.59 -6.40 18.43
N ILE A 47 -6.62 -5.07 18.40
CA ILE A 47 -5.93 -4.28 17.40
C ILE A 47 -4.46 -4.20 17.81
N SER A 48 -3.58 -4.64 16.90
CA SER A 48 -2.13 -4.64 17.12
C SER A 48 -1.50 -3.33 16.70
N PHE A 49 -0.43 -2.95 17.40
CA PHE A 49 0.34 -1.74 17.11
C PHE A 49 1.54 -2.08 16.24
N THR A 50 1.76 -1.28 15.20
CA THR A 50 2.96 -1.38 14.36
C THR A 50 3.95 -0.23 14.63
N LYS A 51 3.63 0.63 15.60
CA LYS A 51 4.55 1.63 16.11
C LYS A 51 4.47 1.69 17.64
N PRO A 52 5.53 2.19 18.31
CA PRO A 52 5.47 2.50 19.75
C PRO A 52 4.41 3.53 20.14
N TRP A 53 4.06 4.42 19.20
CA TRP A 53 3.13 5.54 19.44
C TRP A 53 1.73 5.31 18.86
N SER A 54 1.43 4.06 18.48
CA SER A 54 0.17 3.70 17.82
C SER A 54 -1.10 4.01 18.63
N GLN A 55 -0.95 4.11 19.96
CA GLN A 55 -2.04 4.49 20.85
C GLN A 55 -2.34 6.00 20.90
N GLY A 56 -1.53 6.83 20.25
CA GLY A 56 -1.72 8.29 20.29
C GLY A 56 -1.62 8.84 21.71
N LYS A 57 -2.54 9.73 22.07
CA LYS A 57 -2.68 10.24 23.44
C LYS A 57 -3.79 9.54 24.23
N LEU A 58 -4.42 8.52 23.65
CA LEU A 58 -5.50 7.82 24.33
C LEU A 58 -4.95 7.03 25.51
N SER A 59 -5.59 7.17 26.67
CA SER A 59 -5.25 6.39 27.86
C SER A 59 -5.61 4.93 27.63
N ASN A 60 -5.11 4.07 28.50
CA ASN A 60 -5.33 2.63 28.35
C ASN A 60 -6.82 2.29 28.37
N GLN A 61 -7.60 2.97 29.20
CA GLN A 61 -9.05 2.78 29.25
C GLN A 61 -9.75 3.33 28.00
N GLN A 62 -9.41 4.55 27.60
CA GLN A 62 -10.00 5.19 26.41
C GLN A 62 -9.77 4.37 25.13
N TRP A 63 -8.58 3.77 25.03
CA TRP A 63 -8.24 2.90 23.92
C TRP A 63 -9.06 1.62 23.93
N GLU A 64 -9.24 1.02 25.11
CA GLU A 64 -10.02 -0.21 25.26
C GLU A 64 -11.49 0.00 24.87
N LYS A 65 -12.03 1.19 25.17
CA LYS A 65 -13.42 1.54 24.84
C LYS A 65 -13.60 1.67 23.34
N LEU A 66 -12.64 2.32 22.70
CA LEU A 66 -12.61 2.42 21.25
C LEU A 66 -12.44 1.03 20.61
N GLN A 67 -11.52 0.23 21.16
CA GLN A 67 -11.28 -1.14 20.70
C GLN A 67 -12.54 -2.01 20.79
N HIS A 68 -13.22 -1.95 21.94
CA HIS A 68 -14.48 -2.68 22.14
C HIS A 68 -15.54 -2.35 21.08
N MET A 69 -15.67 -1.07 20.79
CA MET A 69 -16.60 -0.57 19.80
C MET A 69 -16.32 -1.19 18.43
N PHE A 70 -15.04 -1.23 18.05
CA PHE A 70 -14.63 -1.93 16.83
C PHE A 70 -14.75 -3.44 16.91
N GLN A 71 -14.53 -4.03 18.09
CA GLN A 71 -14.80 -5.47 18.31
C GLN A 71 -16.28 -5.80 18.08
N VAL A 72 -17.16 -4.98 18.63
CA VAL A 72 -18.60 -5.14 18.42
C VAL A 72 -18.97 -4.96 16.94
N TYR A 73 -18.46 -3.88 16.33
CA TYR A 73 -18.68 -3.61 14.92
C TYR A 73 -18.32 -4.78 14.02
N ARG A 74 -17.15 -5.39 14.25
CA ARG A 74 -16.66 -6.45 13.34
C ARG A 74 -17.60 -7.65 13.29
N VAL A 75 -17.97 -8.17 14.47
CA VAL A 75 -18.96 -9.25 14.57
C VAL A 75 -20.30 -8.84 13.92
N SER A 76 -20.81 -7.66 14.27
CA SER A 76 -22.10 -7.18 13.74
C SER A 76 -22.08 -7.04 12.22
N PHE A 77 -21.01 -6.44 11.71
CA PHE A 77 -20.83 -6.26 10.27
C PHE A 77 -20.85 -7.60 9.53
N THR A 78 -20.13 -8.58 10.07
CA THR A 78 -20.09 -9.94 9.51
C THR A 78 -21.46 -10.63 9.52
N ARG A 79 -22.17 -10.53 10.63
CA ARG A 79 -23.53 -11.06 10.73
C ARG A 79 -24.45 -10.39 9.71
N ASP A 80 -24.39 -9.06 9.64
CA ASP A 80 -25.27 -8.29 8.74
C ASP A 80 -25.07 -8.64 7.28
N ILE A 81 -23.80 -8.83 6.88
CA ILE A 81 -23.48 -9.14 5.48
C ILE A 81 -23.89 -10.58 5.15
N GLN A 82 -23.59 -11.51 6.07
CA GLN A 82 -24.09 -12.90 5.97
C GLN A 82 -25.61 -12.98 5.84
N GLU A 83 -26.31 -12.17 6.64
CA GLU A 83 -27.76 -12.17 6.66
C GLU A 83 -28.36 -11.52 5.40
N LEU A 84 -27.74 -10.43 4.92
CA LEU A 84 -28.14 -9.79 3.67
C LEU A 84 -28.03 -10.75 2.47
N VAL A 85 -26.97 -11.55 2.45
CA VAL A 85 -26.72 -12.49 1.35
C VAL A 85 -27.79 -13.58 1.32
N LYS A 86 -28.17 -14.11 2.50
CA LYS A 86 -29.25 -15.10 2.60
C LYS A 86 -30.58 -14.54 2.09
N MET A 87 -30.91 -13.32 2.50
CA MET A 87 -32.13 -12.65 2.06
C MET A 87 -32.17 -12.41 0.55
N MET A 88 -31.02 -12.11 -0.04
CA MET A 88 -30.95 -11.81 -1.48
C MET A 88 -30.74 -13.05 -2.37
N SER A 89 -30.49 -14.21 -1.76
CA SER A 89 -30.16 -15.43 -2.48
C SER A 89 -31.35 -15.93 -3.33
N PRO A 90 -31.12 -16.41 -4.57
CA PRO A 90 -29.80 -16.60 -5.18
C PRO A 90 -29.23 -15.40 -5.96
N LYS A 91 -29.94 -14.27 -5.98
CA LYS A 91 -29.59 -13.15 -6.88
C LYS A 91 -28.18 -12.61 -6.63
N GLU A 92 -27.89 -12.29 -5.38
CA GLU A 92 -26.53 -11.92 -4.96
C GLU A 92 -25.97 -13.09 -4.21
N ASP A 93 -24.80 -13.55 -4.63
CA ASP A 93 -24.23 -14.77 -4.11
C ASP A 93 -22.71 -14.76 -4.14
N TYR A 94 -22.14 -15.74 -3.46
CA TYR A 94 -20.70 -15.79 -3.16
C TYR A 94 -19.89 -16.12 -4.40
N PRO A 95 -18.59 -15.75 -4.43
CA PRO A 95 -17.88 -15.04 -3.36
C PRO A 95 -18.08 -13.52 -3.40
N ILE A 96 -17.86 -12.87 -2.25
CA ILE A 96 -18.06 -11.43 -2.10
C ILE A 96 -16.86 -10.81 -1.41
N GLU A 97 -16.41 -9.65 -1.92
CA GLU A 97 -15.33 -8.86 -1.33
C GLU A 97 -15.87 -7.49 -0.98
N ILE A 98 -15.78 -7.11 0.29
CA ILE A 98 -16.16 -5.76 0.72
C ILE A 98 -14.93 -5.07 1.30
N GLN A 99 -14.74 -3.81 0.89
CA GLN A 99 -13.66 -2.97 1.36
C GLN A 99 -14.25 -1.69 1.91
N LEU A 100 -13.69 -1.22 3.02
CA LEU A 100 -14.05 0.05 3.62
C LEU A 100 -12.77 0.87 3.77
N SER A 101 -12.83 2.12 3.35
CA SER A 101 -11.73 3.04 3.52
C SER A 101 -12.32 4.21 4.30
N ALA A 102 -11.82 4.41 5.51
CA ALA A 102 -12.39 5.37 6.45
C ALA A 102 -11.30 6.09 7.22
N GLY A 103 -11.49 7.39 7.45
CA GLY A 103 -10.56 8.17 8.25
C GLY A 103 -10.73 9.67 8.02
N CYS A 104 -9.62 10.39 8.13
CA CYS A 104 -9.66 11.84 8.02
C CYS A 104 -8.35 12.43 7.50
N GLU A 105 -8.48 13.50 6.71
CA GLU A 105 -7.35 14.21 6.14
C GLU A 105 -7.14 15.49 6.93
N MET A 106 -6.02 15.58 7.63
CA MET A 106 -5.70 16.74 8.47
C MET A 106 -5.18 17.91 7.63
N TYR A 107 -5.39 19.13 8.13
CA TYR A 107 -4.98 20.37 7.46
C TYR A 107 -4.42 21.35 8.51
N PRO A 108 -3.85 22.50 8.06
CA PRO A 108 -3.36 23.51 9.03
C PRO A 108 -4.40 24.12 9.99
N ALA A 111 -7.97 21.79 11.59
CA ALA A 111 -8.92 21.62 10.49
C ALA A 111 -8.81 20.23 9.87
N SER A 112 -9.94 19.60 9.54
CA SER A 112 -9.94 18.30 8.86
C SER A 112 -11.27 17.98 8.14
N GLU A 113 -11.16 17.10 7.15
CA GLU A 113 -12.30 16.47 6.48
C GLU A 113 -12.23 14.96 6.71
N SER A 114 -13.38 14.33 6.91
CA SER A 114 -13.45 12.88 7.10
C SER A 114 -14.20 12.20 5.97
N PHE A 115 -13.96 10.90 5.84
CA PHE A 115 -14.54 10.10 4.76
C PHE A 115 -14.83 8.67 5.24
N LEU A 116 -15.80 8.03 4.60
CA LEU A 116 -16.09 6.62 4.80
C LEU A 116 -16.65 6.12 3.49
N HIS A 117 -15.83 5.35 2.76
CA HIS A 117 -16.17 4.83 1.45
C HIS A 117 -16.23 3.30 1.49
N VAL A 118 -17.20 2.72 0.78
CA VAL A 118 -17.37 1.29 0.73
C VAL A 118 -17.40 0.80 -0.71
N ALA A 119 -16.61 -0.22 -0.97
CA ALA A 119 -16.56 -0.89 -2.25
C ALA A 119 -17.05 -2.32 -2.14
N PHE A 120 -17.69 -2.79 -3.20
CA PHE A 120 -18.29 -4.12 -3.30
C PHE A 120 -17.79 -4.72 -4.61
N GLN A 121 -17.16 -5.89 -4.53
CA GLN A 121 -16.52 -6.54 -5.68
C GLN A 121 -15.57 -5.58 -6.41
N GLY A 122 -14.87 -4.73 -5.66
CA GLY A 122 -13.89 -3.79 -6.22
C GLY A 122 -14.42 -2.47 -6.75
N LYS A 123 -15.75 -2.25 -6.70
CA LYS A 123 -16.37 -1.01 -7.14
C LYS A 123 -16.94 -0.26 -5.94
N TYR A 124 -16.67 1.04 -5.91
CA TYR A 124 -17.20 1.98 -4.94
C TYR A 124 -18.72 2.11 -5.09
N VAL A 125 -19.44 1.80 -4.02
CA VAL A 125 -20.91 1.78 -4.06
C VAL A 125 -21.61 2.64 -3.02
N VAL A 126 -20.98 2.83 -1.86
CA VAL A 126 -21.65 3.40 -0.69
C VAL A 126 -20.67 4.28 0.06
N ARG A 127 -21.19 5.37 0.62
CA ARG A 127 -20.44 6.19 1.55
C ARG A 127 -21.34 6.64 2.68
N PHE A 128 -20.72 7.05 3.78
CA PHE A 128 -21.40 7.84 4.80
C PHE A 128 -21.04 9.32 4.55
N TRP A 129 -22.07 10.17 4.57
CA TRP A 129 -21.92 11.60 4.28
C TRP A 129 -23.00 12.38 5.04
N GLY A 130 -22.56 13.30 5.90
CA GLY A 130 -23.45 14.10 6.71
C GLY A 130 -23.99 13.31 7.89
N THR A 131 -25.27 12.92 7.79
CA THR A 131 -25.98 12.19 8.83
C THR A 131 -26.45 10.79 8.44
N SER A 132 -26.16 10.36 7.22
CA SER A 132 -26.72 9.13 6.68
C SER A 132 -25.76 8.41 5.70
N TRP A 133 -26.00 7.12 5.55
CA TRP A 133 -25.35 6.33 4.53
C TRP A 133 -26.09 6.58 3.24
N GLN A 134 -25.40 6.44 2.11
CA GLN A 134 -25.98 6.64 0.81
C GLN A 134 -25.27 5.80 -0.24
N THR A 135 -26.02 5.28 -1.20
CA THR A 135 -25.41 4.67 -2.37
C THR A 135 -24.94 5.81 -3.30
N VAL A 136 -23.98 5.50 -4.17
CA VAL A 136 -23.42 6.50 -5.07
C VAL A 136 -23.99 6.26 -6.47
N PRO A 137 -24.08 7.31 -7.31
CA PRO A 137 -24.61 7.14 -8.67
C PRO A 137 -24.00 5.94 -9.42
N GLY A 138 -24.85 5.06 -9.94
CA GLY A 138 -24.41 3.87 -10.65
C GLY A 138 -24.26 2.62 -9.80
N ALA A 139 -24.53 2.72 -8.50
CA ALA A 139 -24.49 1.58 -7.60
C ALA A 139 -25.64 0.65 -7.95
N PRO A 140 -25.46 -0.68 -7.74
CA PRO A 140 -26.56 -1.61 -8.02
C PRO A 140 -27.78 -1.27 -7.19
N SER A 141 -28.94 -1.20 -7.84
CA SER A 141 -30.17 -0.77 -7.20
C SER A 141 -30.61 -1.62 -6.02
N TRP A 142 -30.20 -2.89 -5.99
CA TRP A 142 -30.51 -3.77 -4.84
C TRP A 142 -29.88 -3.31 -3.51
N LEU A 143 -28.89 -2.41 -3.55
CA LEU A 143 -28.31 -1.83 -2.31
C LEU A 143 -29.18 -0.77 -1.63
N ASP A 144 -30.14 -0.19 -2.36
CA ASP A 144 -30.96 0.93 -1.86
C ASP A 144 -31.79 0.54 -0.63
N LEU A 145 -32.41 -0.64 -0.68
CA LEU A 145 -33.27 -1.10 0.42
C LEU A 145 -32.47 -1.39 1.71
N PRO A 146 -31.38 -2.18 1.62
CA PRO A 146 -30.51 -2.41 2.79
C PRO A 146 -29.92 -1.14 3.43
N ILE A 147 -29.60 -0.15 2.61
CA ILE A 147 -29.06 1.13 3.07
C ILE A 147 -30.14 1.98 3.75
N LYS A 148 -31.36 2.00 3.22
CA LYS A 148 -32.48 2.65 3.92
C LYS A 148 -32.70 2.06 5.32
N VAL A 149 -32.74 0.73 5.39
CA VAL A 149 -32.84 0.02 6.67
C VAL A 149 -31.75 0.48 7.62
N LEU A 150 -30.50 0.40 7.18
CA LEU A 150 -29.35 0.84 7.98
C LEU A 150 -29.45 2.30 8.46
N ASN A 151 -29.95 3.18 7.59
CA ASN A 151 -30.19 4.59 7.94
C ASN A 151 -31.24 4.80 9.03
N ALA A 152 -32.12 3.82 9.24
CA ALA A 152 -33.07 3.85 10.35
C ALA A 152 -32.37 3.69 11.72
N ASP A 153 -31.26 2.95 11.76
CA ASP A 153 -30.51 2.74 13.00
C ASP A 153 -29.82 4.06 13.43
N GLN A 154 -30.57 4.86 14.16
CA GLN A 154 -30.12 6.17 14.66
C GLN A 154 -28.82 6.13 15.46
N GLY A 155 -28.72 5.17 16.38
CA GLY A 155 -27.52 4.99 17.21
C GLY A 155 -26.26 4.71 16.41
N THR A 156 -26.38 3.92 15.35
CA THR A 156 -25.26 3.66 14.45
C THR A 156 -24.85 4.94 13.71
N SER A 157 -25.84 5.64 13.16
N SER A 157 -25.82 5.66 13.15
CA SER A 157 -25.60 6.93 12.50
CA SER A 157 -25.55 6.92 12.49
C SER A 157 -24.89 7.92 13.43
C SER A 157 -24.89 7.94 13.42
N ALA A 158 -25.36 8.01 14.68
CA ALA A 158 -24.76 8.89 15.68
C ALA A 158 -23.32 8.50 16.09
N THR A 159 -23.05 7.21 16.24
CA THR A 159 -21.69 6.74 16.52
C THR A 159 -20.73 7.03 15.35
N VAL A 160 -21.20 6.74 14.13
CA VAL A 160 -20.43 6.99 12.91
C VAL A 160 -20.12 8.49 12.77
N GLN A 161 -21.11 9.35 13.06
CA GLN A 161 -20.92 10.80 13.01
C GLN A 161 -19.93 11.31 14.03
N MET A 162 -20.00 10.78 15.25
CA MET A 162 -19.00 11.06 16.28
C MET A 162 -17.62 10.62 15.79
N LEU A 163 -17.54 9.37 15.30
CA LEU A 163 -16.26 8.80 14.88
C LEU A 163 -15.60 9.61 13.78
N LEU A 164 -16.38 9.98 12.76
CA LEU A 164 -15.87 10.76 11.64
C LEU A 164 -15.55 12.20 12.01
N ASN A 165 -16.49 12.89 12.65
CA ASN A 165 -16.36 14.33 12.87
C ASN A 165 -15.41 14.70 14.00
N ASP A 166 -15.28 13.83 15.01
CA ASP A 166 -14.62 14.19 16.26
C ASP A 166 -13.47 13.25 16.61
N THR A 167 -13.77 11.95 16.79
CA THR A 167 -12.79 10.95 17.18
C THR A 167 -11.58 10.89 16.27
N CYS A 168 -11.82 10.96 14.95
CA CYS A 168 -10.74 10.80 13.99
C CYS A 168 -9.76 11.98 14.08
N PRO A 169 -10.24 13.23 13.98
CA PRO A 169 -9.28 14.34 14.13
C PRO A 169 -8.57 14.37 15.48
N LEU A 170 -9.29 14.05 16.56
CA LEU A 170 -8.72 14.07 17.91
C LEU A 170 -7.62 13.04 18.04
N PHE A 171 -7.89 11.82 17.57
CA PHE A 171 -6.95 10.72 17.67
C PHE A 171 -5.70 10.96 16.81
N VAL A 172 -5.88 11.54 15.63
CA VAL A 172 -4.76 11.75 14.71
C VAL A 172 -3.82 12.82 15.26
N ARG A 173 -4.38 13.94 15.74
CA ARG A 173 -3.54 14.95 16.43
C ARG A 173 -2.71 14.31 17.58
N GLY A 174 -3.29 13.32 18.24
CA GLY A 174 -2.56 12.48 19.19
C GLY A 174 -1.42 11.67 18.60
N LEU A 175 -1.64 11.11 17.41
CA LEU A 175 -0.59 10.38 16.69
C LEU A 175 0.52 11.28 16.17
N LEU A 176 0.13 12.45 15.64
CA LEU A 176 1.10 13.40 15.12
C LEU A 176 2.05 13.90 16.20
N GLU A 177 1.55 14.11 17.41
CA GLU A 177 2.42 14.47 18.54
C GLU A 177 3.26 13.27 18.96
N ALA A 178 2.60 12.14 19.23
CA ALA A 178 3.26 10.99 19.84
C ALA A 178 4.34 10.37 18.94
N GLY A 179 4.15 10.48 17.63
CA GLY A 179 5.06 9.92 16.63
C GLY A 179 5.85 10.93 15.83
N LYS A 180 6.01 12.13 16.37
CA LYS A 180 6.66 13.25 15.68
C LYS A 180 8.04 12.91 15.12
N SER A 181 8.92 12.32 15.94
CA SER A 181 10.29 12.01 15.49
C SER A 181 10.29 10.95 14.40
N ASP A 182 9.36 10.01 14.51
CA ASP A 182 9.19 8.97 13.51
C ASP A 182 8.58 9.52 12.22
N LEU A 183 7.60 10.41 12.35
CA LEU A 183 6.98 11.06 11.18
C LEU A 183 7.90 12.03 10.47
N GLU A 184 8.86 12.60 11.20
CA GLU A 184 9.77 13.59 10.64
C GLU A 184 11.18 13.02 10.46
N LYS A 185 11.26 11.68 10.35
CA LYS A 185 12.53 10.99 10.19
C LYS A 185 13.07 11.31 8.79
N GLN A 186 14.39 11.49 8.69
CA GLN A 186 15.08 11.70 7.43
C GLN A 186 16.00 10.50 7.17
N GLU A 187 15.79 9.82 6.05
CA GLU A 187 16.61 8.68 5.66
C GLU A 187 17.18 9.00 4.29
N LYS A 188 18.49 8.81 4.12
CA LYS A 188 19.21 9.21 2.91
C LYS A 188 19.12 8.17 1.78
N PRO A 189 18.98 8.65 0.53
CA PRO A 189 19.03 7.77 -0.60
C PRO A 189 20.44 7.25 -0.86
N VAL A 190 20.51 6.05 -1.42
CA VAL A 190 21.71 5.57 -2.10
C VAL A 190 21.31 5.40 -3.56
N ALA A 191 22.21 5.72 -4.47
CA ALA A 191 21.95 5.61 -5.91
C ALA A 191 22.98 4.72 -6.61
N TRP A 192 22.60 4.22 -7.78
CA TRP A 192 23.51 3.46 -8.64
C TRP A 192 22.95 3.46 -10.04
N LEU A 193 23.84 3.32 -11.02
CA LEU A 193 23.49 3.38 -12.42
C LEU A 193 23.58 2.01 -13.08
N SER A 194 22.80 1.81 -14.14
CA SER A 194 22.89 0.62 -14.97
C SER A 194 22.32 0.91 -16.35
N SER A 195 22.45 -0.06 -17.25
CA SER A 195 21.85 0.05 -18.59
C SER A 195 21.59 -1.30 -19.23
N VAL A 196 20.68 -1.30 -20.21
CA VAL A 196 20.34 -2.53 -20.97
C VAL A 196 21.50 -2.92 -21.92
N PRO A 197 22.17 -4.07 -21.66
CA PRO A 197 23.34 -4.43 -22.48
C PRO A 197 22.96 -5.06 -23.82
N GLY A 202 22.50 0.26 -31.79
CA GLY A 202 21.20 0.69 -31.29
C GLY A 202 21.29 1.64 -30.10
N HIS A 203 20.20 2.35 -29.84
CA HIS A 203 20.12 3.30 -28.72
C HIS A 203 20.02 2.56 -27.38
N ARG A 204 20.83 2.96 -26.41
CA ARG A 204 20.81 2.39 -25.04
C ARG A 204 19.76 3.07 -24.16
N GLN A 205 19.51 2.45 -23.00
CA GLN A 205 18.54 2.94 -22.01
C GLN A 205 19.23 3.00 -20.65
N LEU A 206 19.56 4.21 -20.21
CA LEU A 206 20.27 4.41 -18.93
C LEU A 206 19.28 4.49 -17.78
N VAL A 207 19.57 3.77 -16.70
CA VAL A 207 18.72 3.70 -15.52
C VAL A 207 19.44 4.21 -14.28
N CYS A 208 18.92 5.29 -13.71
CA CYS A 208 19.40 5.76 -12.41
C CYS A 208 18.50 5.25 -11.29
N HIS A 209 19.07 4.42 -10.41
CA HIS A 209 18.32 3.79 -9.32
C HIS A 209 18.51 4.56 -8.04
N VAL A 210 17.44 4.84 -7.31
CA VAL A 210 17.51 5.60 -6.05
C VAL A 210 16.67 4.89 -5.01
N SER A 211 17.32 4.38 -3.97
CA SER A 211 16.66 3.59 -2.93
C SER A 211 17.02 4.09 -1.54
N GLY A 212 16.09 3.93 -0.60
CA GLY A 212 16.35 4.17 0.83
C GLY A 212 16.00 5.53 1.37
N PHE A 213 15.32 6.35 0.57
CA PHE A 213 15.04 7.72 0.98
C PHE A 213 13.73 7.75 1.75
N TYR A 214 13.65 8.68 2.69
CA TYR A 214 12.40 9.03 3.36
C TYR A 214 12.58 10.47 3.88
N PRO A 215 11.59 11.35 3.76
CA PRO A 215 10.23 11.09 3.26
C PRO A 215 10.10 10.94 1.75
N LYS A 216 8.87 10.87 1.25
CA LYS A 216 8.62 10.60 -0.16
C LYS A 216 9.12 11.65 -1.18
N PRO A 217 8.96 12.96 -0.90
CA PRO A 217 9.40 13.96 -1.90
C PRO A 217 10.89 13.88 -2.26
N VAL A 218 11.20 13.90 -3.55
CA VAL A 218 12.54 13.67 -4.05
C VAL A 218 12.64 14.18 -5.49
N TRP A 219 13.87 14.46 -5.94
CA TRP A 219 14.11 14.95 -7.29
C TRP A 219 15.25 14.15 -7.91
N VAL A 220 14.98 13.50 -9.04
CA VAL A 220 15.97 12.67 -9.73
C VAL A 220 15.96 13.08 -11.20
N MET A 221 17.11 13.50 -11.70
CA MET A 221 17.22 13.97 -13.09
C MET A 221 18.53 13.54 -13.70
N TRP A 222 18.47 13.14 -14.96
CA TRP A 222 19.66 12.98 -15.74
C TRP A 222 20.17 14.35 -16.18
N MET A 223 21.49 14.49 -16.27
CA MET A 223 22.14 15.78 -16.52
C MET A 223 23.27 15.62 -17.53
N ARG A 224 23.55 16.68 -18.29
CA ARG A 224 24.86 16.86 -18.93
C ARG A 224 25.35 18.22 -18.48
N GLY A 225 26.33 18.23 -17.57
CA GLY A 225 26.72 19.44 -16.88
C GLY A 225 25.53 19.95 -16.08
N ASP A 226 25.12 21.19 -16.37
CA ASP A 226 23.96 21.83 -15.72
C ASP A 226 22.62 21.71 -16.48
N GLN A 227 22.64 21.11 -17.68
N GLN A 227 22.63 21.13 -17.67
CA GLN A 227 21.45 20.95 -18.51
CA GLN A 227 21.42 21.00 -18.48
C GLN A 227 20.62 19.75 -18.06
C GLN A 227 20.61 19.76 -18.07
N GLU A 228 19.37 19.98 -17.66
CA GLU A 228 18.44 18.89 -17.35
C GLU A 228 18.05 18.21 -18.66
N GLN A 229 18.16 16.89 -18.70
CA GLN A 229 17.76 16.12 -19.87
C GLN A 229 16.29 15.77 -19.71
N GLN A 230 15.43 16.50 -20.42
CA GLN A 230 13.97 16.41 -20.24
C GLN A 230 13.34 15.11 -20.78
N GLY A 231 14.08 14.31 -21.54
CA GLY A 231 13.69 12.93 -21.87
C GLY A 231 13.68 11.95 -20.68
N THR A 232 14.19 12.39 -19.52
CA THR A 232 14.13 11.64 -18.27
C THR A 232 12.72 11.16 -17.96
N HIS A 233 12.53 9.84 -17.92
CA HIS A 233 11.25 9.23 -17.54
C HIS A 233 11.34 8.81 -16.07
N ARG A 234 10.52 9.39 -15.22
CA ARG A 234 10.48 9.01 -13.81
C ARG A 234 9.58 7.78 -13.63
N GLY A 235 10.11 6.75 -12.98
CA GLY A 235 9.33 5.54 -12.67
C GLY A 235 8.37 5.79 -11.52
N ASP A 236 7.61 4.76 -11.15
CA ASP A 236 6.77 4.82 -9.96
C ASP A 236 7.59 4.73 -8.67
N PHE A 237 7.04 5.28 -7.61
CA PHE A 237 7.57 5.13 -6.27
C PHE A 237 7.23 3.73 -5.74
N LEU A 238 8.27 2.93 -5.50
CA LEU A 238 8.13 1.57 -5.01
C LEU A 238 8.58 1.51 -3.55
N PRO A 239 7.82 0.83 -2.67
CA PRO A 239 8.21 0.82 -1.28
C PRO A 239 9.31 -0.21 -1.03
N ASN A 240 10.23 0.11 -0.12
CA ASN A 240 11.11 -0.90 0.48
C ASN A 240 10.40 -1.41 1.73
N ALA A 241 10.92 -2.51 2.27
CA ALA A 241 10.37 -3.14 3.49
C ALA A 241 10.73 -2.41 4.78
N ASP A 242 11.70 -1.49 4.72
CA ASP A 242 12.15 -0.75 5.90
C ASP A 242 11.59 0.68 5.96
N GLU A 243 10.37 0.86 5.44
CA GLU A 243 9.67 2.16 5.43
C GLU A 243 10.47 3.29 4.76
N THR A 244 11.24 2.93 3.74
CA THR A 244 11.92 3.88 2.86
C THR A 244 11.39 3.60 1.47
N TRP A 245 11.73 4.47 0.52
CA TRP A 245 11.21 4.41 -0.83
C TRP A 245 12.27 4.11 -1.85
N TYR A 246 11.80 3.58 -2.97
CA TYR A 246 12.63 3.22 -4.11
C TYR A 246 12.06 3.93 -5.32
N LEU A 247 12.93 4.41 -6.19
CA LEU A 247 12.54 5.07 -7.43
C LEU A 247 13.68 4.98 -8.43
N GLN A 248 13.33 4.82 -9.70
CA GLN A 248 14.31 4.86 -10.76
C GLN A 248 13.90 5.87 -11.81
N ALA A 249 14.89 6.53 -12.41
CA ALA A 249 14.66 7.45 -13.51
C ALA A 249 15.53 7.01 -14.69
N THR A 250 14.90 6.79 -15.83
CA THR A 250 15.57 6.29 -17.03
C THR A 250 15.67 7.37 -18.11
N LEU A 251 16.68 7.23 -18.97
CA LEU A 251 16.86 8.11 -20.13
C LEU A 251 17.25 7.27 -21.36
N ASP A 252 16.46 7.41 -22.43
CA ASP A 252 16.76 6.79 -23.72
C ASP A 252 17.74 7.70 -24.49
N VAL A 253 18.91 7.15 -24.82
CA VAL A 253 19.98 7.89 -25.52
C VAL A 253 20.59 7.09 -26.67
N GLU A 254 21.23 7.78 -27.60
CA GLU A 254 22.03 7.13 -28.65
C GLU A 254 23.38 6.67 -28.09
N ALA A 255 23.91 5.59 -28.66
CA ALA A 255 25.22 5.06 -28.28
C ALA A 255 26.32 6.08 -28.63
N GLY A 256 27.34 6.15 -27.79
CA GLY A 256 28.39 7.17 -27.90
C GLY A 256 28.04 8.52 -27.30
N GLU A 257 26.78 8.70 -26.89
CA GLU A 257 26.30 9.96 -26.30
C GLU A 257 26.22 9.85 -24.76
N GLU A 258 26.72 8.75 -24.21
CA GLU A 258 26.66 8.48 -22.77
C GLU A 258 27.79 9.14 -22.00
N ALA A 259 28.88 9.51 -22.69
CA ALA A 259 29.96 10.24 -22.04
C ALA A 259 29.47 11.63 -21.60
N GLY A 260 29.89 12.05 -20.41
CA GLY A 260 29.46 13.33 -19.84
C GLY A 260 28.07 13.37 -19.21
N LEU A 261 27.31 12.27 -19.25
CA LEU A 261 25.99 12.21 -18.58
C LEU A 261 26.15 11.83 -17.11
N ALA A 262 25.18 12.31 -16.33
CA ALA A 262 25.15 12.04 -14.89
C ALA A 262 23.73 12.04 -14.35
N CYS A 263 23.54 11.33 -13.24
CA CYS A 263 22.27 11.33 -12.52
C CYS A 263 22.44 12.14 -11.24
N ARG A 264 21.56 13.12 -11.07
CA ARG A 264 21.61 14.02 -9.93
C ARG A 264 20.41 13.76 -9.04
N VAL A 265 20.65 13.63 -7.73
CA VAL A 265 19.59 13.42 -6.74
C VAL A 265 19.60 14.52 -5.67
N LYS A 266 18.41 15.03 -5.39
CA LYS A 266 18.17 15.96 -4.31
C LYS A 266 17.16 15.35 -3.35
N HIS A 267 17.44 15.48 -2.06
CA HIS A 267 16.54 14.99 -1.03
C HIS A 267 16.79 15.72 0.30
N SER A 268 15.73 15.88 1.07
CA SER A 268 15.77 16.63 2.33
C SER A 268 16.84 16.16 3.31
N SER A 269 17.08 14.85 3.33
CA SER A 269 18.06 14.21 4.20
C SER A 269 19.53 14.56 3.91
N LEU A 270 19.82 15.01 2.68
CA LEU A 270 21.19 15.21 2.21
C LEU A 270 21.78 16.56 2.61
N GLY A 271 20.94 17.44 3.15
CA GLY A 271 21.38 18.76 3.63
C GLY A 271 22.02 19.63 2.57
N GLY A 272 21.49 19.59 1.35
CA GLY A 272 22.00 20.39 0.23
C GLY A 272 23.21 19.83 -0.51
N GLN A 273 23.69 18.66 -0.07
CA GLN A 273 24.81 17.99 -0.73
C GLN A 273 24.27 16.86 -1.61
N ASP A 274 23.89 17.22 -2.83
CA ASP A 274 23.27 16.30 -3.78
C ASP A 274 24.15 15.11 -4.09
N ILE A 275 23.53 14.01 -4.50
CA ILE A 275 24.24 12.87 -5.04
C ILE A 275 24.39 13.11 -6.53
N ILE A 276 25.58 12.87 -7.05
CA ILE A 276 25.85 12.97 -8.49
C ILE A 276 26.64 11.74 -8.90
N LEU A 277 26.06 10.93 -9.77
CA LEU A 277 26.77 9.79 -10.33
C LEU A 277 26.98 10.06 -11.80
N TYR A 278 28.25 10.20 -12.16
CA TYR A 278 28.65 10.39 -13.55
C TYR A 278 28.67 9.01 -14.19
N TRP A 279 28.11 8.90 -15.41
CA TRP A 279 27.98 7.60 -16.07
C TRP A 279 29.33 6.97 -16.38
N GLN B 2 -12.37 -8.83 -12.26
CA GLN B 2 -11.02 -9.36 -11.87
C GLN B 2 -9.88 -8.55 -12.51
N LYS B 3 -8.80 -8.34 -11.77
CA LYS B 3 -7.67 -7.55 -12.24
C LYS B 3 -6.35 -8.32 -12.10
N THR B 4 -5.48 -8.18 -13.10
CA THR B 4 -4.25 -8.96 -13.20
C THR B 4 -3.13 -8.32 -12.38
N PRO B 5 -2.41 -9.11 -11.56
CA PRO B 5 -1.30 -8.53 -10.79
C PRO B 5 -0.10 -8.11 -11.65
N GLN B 6 0.34 -6.86 -11.47
CA GLN B 6 1.61 -6.39 -11.99
CA GLN B 6 1.62 -6.37 -11.98
C GLN B 6 2.68 -6.75 -10.96
N ILE B 7 3.89 -7.06 -11.44
CA ILE B 7 4.97 -7.54 -10.57
C ILE B 7 6.26 -6.78 -10.87
N GLN B 8 6.87 -6.25 -9.82
CA GLN B 8 8.12 -5.51 -9.94
C GLN B 8 9.10 -6.06 -8.93
N VAL B 9 10.32 -6.34 -9.40
CA VAL B 9 11.37 -6.90 -8.57
C VAL B 9 12.56 -5.95 -8.61
N TYR B 10 13.07 -5.61 -7.43
CA TYR B 10 14.15 -4.63 -7.27
C TYR B 10 14.86 -4.86 -5.94
N SER B 11 16.10 -4.42 -5.84
CA SER B 11 16.92 -4.69 -4.69
C SER B 11 16.95 -3.46 -3.79
N ARG B 12 17.11 -3.69 -2.49
CA ARG B 12 17.10 -2.61 -1.49
C ARG B 12 18.33 -1.71 -1.60
N HIS B 13 19.49 -2.34 -1.86
CA HIS B 13 20.80 -1.66 -1.96
C HIS B 13 21.37 -1.92 -3.36
N PRO B 14 22.42 -1.14 -3.76
CA PRO B 14 23.12 -1.47 -5.00
C PRO B 14 23.52 -2.96 -5.06
N PRO B 15 23.12 -3.67 -6.13
CA PRO B 15 23.49 -5.07 -6.22
C PRO B 15 24.97 -5.22 -6.53
N GLU B 16 25.74 -5.70 -5.56
CA GLU B 16 27.17 -5.93 -5.72
C GLU B 16 27.45 -7.39 -5.42
N ASN B 17 28.11 -8.08 -6.35
CA ASN B 17 28.26 -9.54 -6.24
C ASN B 17 29.00 -9.89 -4.95
N GLY B 18 28.50 -10.89 -4.22
CA GLY B 18 29.10 -11.34 -2.96
C GLY B 18 28.71 -10.58 -1.69
N LYS B 19 27.94 -9.49 -1.81
CA LYS B 19 27.51 -8.67 -0.67
C LYS B 19 26.05 -9.00 -0.33
N PRO B 20 25.77 -9.39 0.93
CA PRO B 20 24.36 -9.65 1.26
C PRO B 20 23.47 -8.41 1.10
N ASN B 21 22.23 -8.64 0.71
CA ASN B 21 21.33 -7.57 0.27
C ASN B 21 19.88 -8.06 0.52
N ILE B 22 18.89 -7.24 0.14
CA ILE B 22 17.48 -7.60 0.24
C ILE B 22 16.84 -7.42 -1.13
N LEU B 23 16.13 -8.45 -1.60
CA LEU B 23 15.37 -8.41 -2.84
C LEU B 23 13.88 -8.23 -2.52
N ASN B 24 13.25 -7.28 -3.23
CA ASN B 24 11.85 -6.96 -3.06
C ASN B 24 11.06 -7.41 -4.25
N CYS B 25 9.86 -7.93 -3.99
CA CYS B 25 8.86 -8.21 -5.03
C CYS B 25 7.59 -7.49 -4.65
N TYR B 26 7.21 -6.50 -5.44
CA TYR B 26 6.03 -5.68 -5.17
C TYR B 26 4.96 -6.03 -6.18
N VAL B 27 3.86 -6.58 -5.68
CA VAL B 27 2.76 -7.08 -6.49
C VAL B 27 1.57 -6.12 -6.34
N THR B 28 1.02 -5.64 -7.45
CA THR B 28 0.04 -4.54 -7.42
C THR B 28 -1.11 -4.75 -8.39
N GLN B 29 -2.14 -3.92 -8.23
CA GLN B 29 -3.25 -3.80 -9.18
CA GLN B 29 -3.25 -3.80 -9.18
C GLN B 29 -4.03 -5.12 -9.39
N PHE B 30 -4.22 -5.88 -8.32
CA PHE B 30 -4.97 -7.16 -8.43
C PHE B 30 -6.29 -7.19 -7.65
N HIS B 31 -7.20 -8.03 -8.13
CA HIS B 31 -8.48 -8.30 -7.49
C HIS B 31 -9.01 -9.65 -8.03
N PRO B 32 -9.47 -10.57 -7.17
CA PRO B 32 -9.59 -10.43 -5.70
C PRO B 32 -8.26 -10.59 -4.93
N PRO B 33 -8.28 -10.30 -3.61
CA PRO B 33 -7.02 -10.29 -2.85
C PRO B 33 -6.33 -11.65 -2.64
N HIS B 34 -7.07 -12.76 -2.68
CA HIS B 34 -6.43 -14.05 -2.50
C HIS B 34 -5.38 -14.22 -3.59
N ILE B 35 -4.16 -14.53 -3.18
CA ILE B 35 -3.02 -14.55 -4.07
C ILE B 35 -1.90 -15.38 -3.42
N GLU B 36 -1.05 -15.96 -4.26
CA GLU B 36 0.05 -16.79 -3.81
C GLU B 36 1.33 -16.30 -4.48
N ILE B 37 2.30 -15.89 -3.66
CA ILE B 37 3.50 -15.23 -4.12
C ILE B 37 4.69 -16.00 -3.57
N GLN B 38 5.59 -16.41 -4.46
CA GLN B 38 6.85 -17.04 -4.08
C GLN B 38 7.99 -16.26 -4.71
N MET B 39 9.13 -16.25 -4.03
CA MET B 39 10.37 -15.75 -4.59
C MET B 39 11.28 -16.96 -4.81
N LEU B 40 12.01 -16.93 -5.94
CA LEU B 40 12.78 -18.07 -6.44
C LEU B 40 14.28 -17.75 -6.56
N LYS B 41 15.13 -18.68 -6.12
CA LYS B 41 16.57 -18.66 -6.42
C LYS B 41 16.91 -19.85 -7.33
N ASN B 42 17.38 -19.57 -8.54
CA ASN B 42 17.64 -20.61 -9.54
C ASN B 42 16.38 -21.50 -9.75
N GLY B 43 15.21 -20.86 -9.76
CA GLY B 43 13.95 -21.55 -10.03
C GLY B 43 13.35 -22.38 -8.89
N LYS B 44 13.95 -22.34 -7.70
CA LYS B 44 13.44 -23.05 -6.53
C LYS B 44 12.90 -22.06 -5.49
N LYS B 45 11.87 -22.49 -4.75
CA LYS B 45 11.25 -21.68 -3.71
C LYS B 45 12.24 -21.36 -2.59
N ILE B 46 12.40 -20.08 -2.28
CA ILE B 46 13.20 -19.60 -1.15
C ILE B 46 12.32 -19.72 0.10
N PRO B 47 12.87 -20.28 1.20
CA PRO B 47 12.01 -20.62 2.35
C PRO B 47 11.53 -19.42 3.17
N LYS B 48 12.45 -18.60 3.64
CA LYS B 48 12.12 -17.51 4.54
C LYS B 48 11.84 -16.24 3.73
N VAL B 49 10.58 -16.07 3.34
CA VAL B 49 10.15 -14.88 2.60
C VAL B 49 9.17 -14.11 3.47
N GLU B 50 9.60 -12.93 3.90
CA GLU B 50 8.77 -12.03 4.69
C GLU B 50 7.76 -11.32 3.80
N MET B 51 6.61 -11.02 4.35
CA MET B 51 5.49 -10.45 3.59
C MET B 51 4.91 -9.30 4.40
N SER B 52 4.60 -8.20 3.71
CA SER B 52 3.82 -7.13 4.33
C SER B 52 2.35 -7.57 4.45
N ASP B 53 1.60 -6.88 5.29
CA ASP B 53 0.16 -7.04 5.36
C ASP B 53 -0.43 -6.53 4.07
N MET B 54 -1.42 -7.26 3.54
CA MET B 54 -2.09 -6.78 2.36
C MET B 54 -2.87 -5.50 2.63
N SER B 55 -2.79 -4.59 1.68
CA SER B 55 -3.49 -3.32 1.73
C SER B 55 -4.03 -3.07 0.33
N PHE B 56 -4.68 -1.93 0.15
CA PHE B 56 -5.20 -1.54 -1.14
C PHE B 56 -5.08 -0.04 -1.40
N SER B 57 -5.19 0.32 -2.67
CA SER B 57 -4.93 1.68 -3.13
C SER B 57 -6.23 2.45 -3.27
N LYS B 58 -6.13 3.74 -3.60
CA LYS B 58 -7.29 4.61 -3.84
C LYS B 58 -8.32 4.03 -4.83
N ASP B 59 -7.84 3.33 -5.85
CA ASP B 59 -8.70 2.66 -6.83
C ASP B 59 -9.17 1.26 -6.40
N TRP B 60 -9.02 0.92 -5.10
CA TRP B 60 -9.51 -0.32 -4.52
C TRP B 60 -8.75 -1.58 -4.91
N SER B 61 -7.78 -1.48 -5.82
CA SER B 61 -6.93 -2.61 -6.15
C SER B 61 -5.96 -2.88 -5.02
N PHE B 62 -5.66 -4.16 -4.82
CA PHE B 62 -4.80 -4.62 -3.73
C PHE B 62 -3.34 -4.54 -4.05
N TYR B 63 -2.52 -4.46 -3.00
CA TYR B 63 -1.08 -4.59 -3.15
C TYR B 63 -0.43 -5.23 -1.94
N ILE B 64 0.77 -5.74 -2.17
CA ILE B 64 1.53 -6.44 -1.13
C ILE B 64 2.99 -6.50 -1.55
N LEU B 65 3.87 -6.47 -0.54
CA LEU B 65 5.31 -6.46 -0.71
C LEU B 65 5.93 -7.70 -0.07
N ALA B 66 6.57 -8.51 -0.90
CA ALA B 66 7.34 -9.65 -0.44
C ALA B 66 8.81 -9.24 -0.44
N HIS B 67 9.57 -9.79 0.50
CA HIS B 67 10.99 -9.55 0.53
C HIS B 67 11.76 -10.67 1.22
N THR B 68 13.00 -10.85 0.78
CA THR B 68 13.89 -11.88 1.30
C THR B 68 15.34 -11.47 1.15
N GLU B 69 16.17 -11.97 2.04
CA GLU B 69 17.60 -11.73 1.98
C GLU B 69 18.15 -12.44 0.74
N PHE B 70 19.10 -11.79 0.08
CA PHE B 70 19.81 -12.40 -1.03
C PHE B 70 21.21 -11.83 -1.16
N THR B 71 22.06 -12.60 -1.82
CA THR B 71 23.42 -12.21 -2.14
C THR B 71 23.53 -12.43 -3.65
N PRO B 72 23.65 -11.34 -4.42
CA PRO B 72 23.81 -11.56 -5.86
C PRO B 72 25.21 -12.09 -6.20
N THR B 73 25.27 -13.01 -7.17
CA THR B 73 26.51 -13.48 -7.79
C THR B 73 26.20 -13.61 -9.27
N GLU B 74 27.22 -13.86 -10.10
CA GLU B 74 26.97 -14.10 -11.53
C GLU B 74 26.70 -15.57 -11.88
N THR B 75 26.39 -16.39 -10.86
CA THR B 75 25.97 -17.76 -11.07
C THR B 75 24.53 -18.02 -10.63
N ASP B 76 23.81 -16.97 -10.23
CA ASP B 76 22.48 -17.12 -9.61
C ASP B 76 21.42 -16.27 -10.27
N THR B 77 20.25 -16.85 -10.53
CA THR B 77 19.06 -16.07 -10.91
C THR B 77 18.08 -15.99 -9.75
N TYR B 78 17.30 -14.90 -9.73
CA TYR B 78 16.27 -14.67 -8.74
C TYR B 78 15.00 -14.20 -9.43
N ALA B 79 13.86 -14.65 -8.93
CA ALA B 79 12.59 -14.35 -9.57
C ALA B 79 11.47 -14.24 -8.56
N CYS B 80 10.31 -13.81 -9.05
CA CYS B 80 9.08 -13.73 -8.25
C CYS B 80 7.90 -14.34 -9.02
N ARG B 81 7.31 -15.41 -8.48
CA ARG B 81 6.24 -16.13 -9.15
C ARG B 81 4.93 -15.86 -8.43
N VAL B 82 3.91 -15.49 -9.19
CA VAL B 82 2.61 -15.13 -8.63
C VAL B 82 1.53 -16.00 -9.24
N LYS B 83 0.77 -16.69 -8.39
CA LYS B 83 -0.44 -17.41 -8.81
C LYS B 83 -1.68 -16.64 -8.32
N HIS B 84 -2.63 -16.48 -9.23
CA HIS B 84 -3.81 -15.65 -8.99
C HIS B 84 -4.90 -16.10 -9.95
N ALA B 85 -6.16 -15.98 -9.49
CA ALA B 85 -7.33 -16.42 -10.26
C ALA B 85 -7.49 -15.75 -11.64
N SER B 86 -6.99 -14.52 -11.78
CA SER B 86 -7.06 -13.80 -13.05
C SER B 86 -6.19 -14.38 -14.18
N MET B 87 -5.18 -15.19 -13.84
CA MET B 87 -4.26 -15.76 -14.81
C MET B 87 -4.39 -17.28 -14.83
N ALA B 88 -4.32 -17.86 -16.03
CA ALA B 88 -4.43 -19.31 -16.23
C ALA B 88 -3.29 -20.08 -15.53
N GLU B 89 -2.06 -19.57 -15.67
CA GLU B 89 -0.86 -20.22 -15.10
C GLU B 89 -0.02 -19.20 -14.32
N PRO B 90 0.89 -19.68 -13.44
CA PRO B 90 1.69 -18.74 -12.63
C PRO B 90 2.52 -17.81 -13.49
N LYS B 91 2.60 -16.53 -13.08
CA LYS B 91 3.39 -15.54 -13.79
C LYS B 91 4.64 -15.25 -12.99
N THR B 92 5.77 -15.23 -13.70
CA THR B 92 7.08 -15.17 -13.10
C THR B 92 7.80 -13.97 -13.68
N VAL B 93 8.45 -13.19 -12.82
CA VAL B 93 9.30 -12.10 -13.29
C VAL B 93 10.69 -12.30 -12.70
N TYR B 94 11.66 -12.48 -13.59
CA TYR B 94 13.05 -12.67 -13.19
C TYR B 94 13.61 -11.32 -12.81
N TRP B 95 14.53 -11.33 -11.85
CA TRP B 95 15.19 -10.12 -11.41
C TRP B 95 16.05 -9.62 -12.57
N ASP B 96 15.79 -8.38 -12.98
CA ASP B 96 16.50 -7.67 -14.07
C ASP B 96 18.03 -7.73 -13.99
N ARG B 97 18.55 -7.87 -12.77
CA ARG B 97 20.00 -7.99 -12.44
C ARG B 97 20.64 -6.61 -12.19
N ASP B 98 20.00 -5.56 -12.70
CA ASP B 98 20.34 -4.18 -12.40
C ASP B 98 19.49 -3.61 -11.26
N MET B 99 18.21 -3.97 -11.24
CA MET B 99 17.17 -3.39 -10.35
C MET B 99 17.41 -3.64 -8.87
C1 NAG C . -12.23 -14.93 11.15
C2 NAG C . -12.38 -16.41 11.00
C3 NAG C . -13.74 -16.81 11.56
C4 NAG C . -13.84 -16.48 13.02
C5 NAG C . -13.39 -15.05 13.34
C6 NAG C . -12.90 -14.93 14.78
C7 NAG C . -11.21 -17.48 9.12
C8 NAG C . -11.28 -17.78 7.66
N2 NAG C . -12.25 -16.80 9.61
O3 NAG C . -13.92 -18.22 11.38
O4 NAG C . -15.20 -16.61 13.48
O5 NAG C . -12.30 -14.62 12.54
O6 NAG C . -14.00 -14.63 15.62
O7 NAG C . -10.26 -17.84 9.79
C1 NAG C . -15.43 -17.86 14.15
C2 NAG C . -16.73 -17.79 14.93
C3 NAG C . -17.01 -19.13 15.63
C4 NAG C . -16.67 -20.38 14.81
C5 NAG C . -15.45 -20.21 13.89
C6 NAG C . -15.36 -21.32 12.84
C7 NAG C . -17.41 -15.62 15.93
C8 NAG C . -17.18 -14.67 17.07
N2 NAG C . -16.66 -16.74 15.94
O3 NAG C . -18.41 -19.18 15.95
O4 NAG C . -16.41 -21.45 15.72
O5 NAG C . -15.50 -18.94 13.23
O6 NAG C . -14.16 -22.08 13.04
O7 NAG C . -18.25 -15.38 15.08
C1 NAG D . -20.92 15.56 11.26
C2 NAG D . -22.23 16.09 11.87
C3 NAG D . -23.33 16.09 10.82
C4 NAG D . -22.88 16.88 9.61
C5 NAG D . -21.50 16.42 9.11
C6 NAG D . -21.04 17.31 7.96
C7 NAG D . -22.18 15.52 14.25
C8 NAG D . -22.78 14.71 15.36
N2 NAG D . -22.70 15.35 13.03
O3 NAG D . -24.52 16.69 11.35
O4 NAG D . -23.86 16.72 8.57
O5 NAG D . -20.55 16.43 10.19
O6 NAG D . -19.71 16.97 7.54
O7 NAG D . -21.25 16.29 14.45
C1 NAG D . -24.76 17.84 8.48
C2 NAG D . -25.35 17.84 7.08
C3 NAG D . -26.34 18.98 6.94
C4 NAG D . -27.39 18.89 8.01
C5 NAG D . -26.82 18.72 9.43
C6 NAG D . -27.93 18.28 10.38
C7 NAG D . -24.25 17.29 4.97
C8 NAG D . -23.11 17.65 4.07
N2 NAG D . -24.32 18.02 6.08
O3 NAG D . -26.94 18.90 5.63
O4 NAG D . -28.15 20.10 7.99
O5 NAG D . -25.78 17.74 9.46
O6 NAG D . -27.46 18.27 11.72
O7 NAG D . -25.04 16.40 4.69
C1 BMA D . -29.36 19.96 7.25
C2 BMA D . -30.47 20.74 7.95
C3 BMA D . -31.75 20.82 7.11
C4 BMA D . -31.53 20.99 5.60
C5 BMA D . -30.33 20.21 5.10
C6 BMA D . -29.96 20.62 3.69
O2 BMA D . -29.95 22.04 8.31
O3 BMA D . -32.50 21.96 7.55
O4 BMA D . -32.70 20.56 4.89
O5 BMA D . -29.19 20.45 5.93
O6 BMA D . -29.07 19.62 3.17
C1 MAN D . -33.74 21.60 8.21
C2 MAN D . -34.45 22.91 8.53
C3 MAN D . -33.67 23.67 9.63
C4 MAN D . -33.55 22.78 10.87
C5 MAN D . -32.87 21.47 10.49
C6 MAN D . -32.78 20.50 11.66
O2 MAN D . -35.79 22.62 8.94
O3 MAN D . -34.26 24.93 9.93
O4 MAN D . -32.78 23.49 11.85
O5 MAN D . -33.56 20.83 9.40
O6 MAN D . -31.51 19.83 11.62
C1 MAN D . -28.95 19.76 1.74
C2 MAN D . -28.02 18.68 1.22
C3 MAN D . -26.61 18.91 1.75
C4 MAN D . -26.12 20.33 1.49
C5 MAN D . -27.17 21.41 1.78
C6 MAN D . -26.78 22.72 1.08
O2 MAN D . -28.05 18.70 -0.21
O3 MAN D . -25.71 17.99 1.13
O4 MAN D . -24.96 20.54 2.30
O5 MAN D . -28.47 21.05 1.32
O6 MAN D . -27.46 23.85 1.67
C1 FUC D . -19.69 16.12 6.37
C2 FUC D . -18.32 16.20 5.72
C3 FUC D . -17.23 15.61 6.61
C4 FUC D . -17.59 14.16 7.00
C5 FUC D . -19.03 14.08 7.50
C6 FUC D . -19.46 12.62 7.70
O2 FUC D . -18.04 17.57 5.42
O3 FUC D . -15.97 15.65 5.93
O4 FUC D . -17.39 13.26 5.90
O5 FUC D . -19.97 14.73 6.62
C1 NAG E . -16.06 -22.59 2.06
C2 NAG E . -15.96 -24.11 1.79
C3 NAG E . -14.55 -24.67 1.95
C4 NAG E . -13.50 -23.76 1.32
C5 NAG E . -13.63 -22.37 1.94
C6 NAG E . -12.58 -21.38 1.46
C7 NAG E . -18.08 -25.30 2.36
C8 NAG E . -18.81 -26.03 3.45
N2 NAG E . -16.85 -24.85 2.68
O3 NAG E . -14.52 -25.98 1.36
O4 NAG E . -12.19 -24.29 1.52
O5 NAG E . -14.92 -21.87 1.59
O6 NAG E . -12.86 -20.98 0.12
O7 NAG E . -18.58 -25.13 1.26
C9 J81 F . -22.99 -5.78 -0.32
C8 J81 F . -22.07 -4.57 -0.16
C7 J81 F . -22.86 -3.78 0.81
C6 J81 F . -21.96 -2.70 1.43
C5 J81 F . -22.92 -1.61 1.90
C4 J81 F . -23.46 -2.02 3.25
C3 J81 F . -22.42 -1.62 4.28
C2 J81 F . -23.16 -1.83 5.57
C1 J81 F . -22.21 -1.33 6.65
N2 J81 F . -22.83 -1.52 7.96
C18 J81 F . -22.20 -1.12 9.05
O J81 F . -21.11 -0.59 9.03
C19 J81 F . -22.96 -1.34 10.34
C20 J81 F . -22.99 -2.82 10.71
C21 J81 F . -23.37 -2.99 12.18
C22 J81 F . -24.70 -2.32 12.53
O3 J81 F . -25.66 -2.56 11.51
C23 J81 F . -25.28 -2.82 13.87
O2 J81 F . -25.60 -4.21 13.76
C24 J81 F . -24.33 -2.59 15.06
C25 J81 F . -25.09 -2.84 16.38
O5 J81 F . -26.13 -1.85 16.49
C28 J81 F . -26.88 -1.84 17.71
O9 J81 F . -26.06 -1.56 18.86
C27 J81 F . -25.32 -0.31 18.80
C26 J81 F . -24.61 -0.22 20.14
O8 J81 F . -23.58 -1.21 20.06
C31 J81 F . -26.23 0.91 18.55
O7 J81 F . -26.84 1.36 19.79
C30 J81 F . -27.34 0.63 17.49
O4 J81 F . -28.37 1.63 17.57
C29 J81 F . -27.97 -0.77 17.64
O6 J81 F . -28.82 -1.04 16.52
N1 J81 F . -23.88 -1.19 15.06
C17 J81 F . -22.63 -0.80 15.38
O1 J81 F . -21.72 -1.55 15.74
C10 J81 F . -22.47 0.71 15.29
C11 J81 F . -21.02 1.15 15.63
C12 J81 F . -20.00 0.74 14.54
C13 J81 F . -20.06 1.62 13.28
C14 J81 F . -18.67 1.60 12.61
C15 J81 F . -18.78 1.66 11.08
C16 J81 F . -17.39 1.55 10.42
C1 PLM G . -12.27 -0.99 10.43
O1 PLM G . -13.04 -0.12 9.95
O2 PLM G . -12.60 -2.18 10.67
C2 PLM G . -10.86 -0.56 10.75
C3 PLM G . -10.31 -1.31 11.96
C4 PLM G . -8.98 -0.73 12.42
C5 PLM G . -9.06 -0.05 13.79
C6 PLM G . -8.33 1.29 13.85
C7 PLM G . -9.03 2.24 14.81
C8 PLM G . -8.35 3.58 14.95
C9 PLM G . -9.22 4.51 15.81
CA PLM G . -9.10 5.97 15.42
CB PLM G . -9.92 6.35 14.20
CC PLM G . -11.40 6.62 14.46
CD PLM G . -12.10 6.96 13.15
CE PLM G . -12.34 5.72 12.29
CF PLM G . -13.41 5.92 11.23
CG PLM G . -14.13 4.61 10.96
#